data_2DP6
#
_entry.id   2DP6
#
_cell.length_a   68.868
_cell.length_b   148.754
_cell.length_c   93.086
_cell.angle_alpha   90.00
_cell.angle_beta   90.00
_cell.angle_gamma   90.00
#
_symmetry.space_group_name_H-M   'C 2 2 21'
#
loop_
_entity.id
_entity.type
_entity.pdbx_description
1 polymer "5'-D(*AP*TP*GP*TP*TP*GP*CP*(D1P)P*TP*TP*AP*GP*TP*CP*C)-3'"
2 polymer "5'-D(*GP*GP*AP*CP*TP*AP*AP*CP*GP*CP*AP*AP*CP*A)-3'"
3 polymer 'uracil-DNA glycosylase'
4 non-polymer 'DIHYDROGENPHOSPHATE ION'
5 non-polymer 'IRON/SULFUR CLUSTER'
6 non-polymer GLYCEROL
7 non-polymer ETHANOL
8 water water
#
loop_
_entity_poly.entity_id
_entity_poly.type
_entity_poly.pdbx_seq_one_letter_code
_entity_poly.pdbx_strand_id
1 'polydeoxyribonucleotide' (DA)(DT)(DG)(DT)(DT)(DG)(DC)(ORP)(DT)(DT)(DA)(DG)(DT)(DC)(DC) C
2 'polydeoxyribonucleotide' (DG)(DG)(DA)(DC)(DT)(DA)(DA)(DC)(DG)(DC)(DA)(DA)(DC)(DA) D
3 'polypeptide(L)'
;MDREAFVQTLTACRLCPRLVAWREEVVGRKRAFRGEPYWARPVPGFGDPEARILLFGLAPGAHGSNRTGRPFTGDASGAF
LYPLLHEAGLSSKPESLPGDDLRLYGVYLTAAVRCAPPKNKPTPEELRACARWTEVELGLLPEVRVYVALGRIALEALLA
HFGLRKSAHPFRHGAHYPLPGGRHLLASYHVSRQNTQTGRLTREMFLEVLMEAKRLAGL
;
A
#
loop_
_chem_comp.id
_chem_comp.type
_chem_comp.name
_chem_comp.formula
2HP non-polymer 'DIHYDROGENPHOSPHATE ION' 'H2 O4 P -1'
DA DNA linking 2'-DEOXYADENOSINE-5'-MONOPHOSPHATE 'C10 H14 N5 O6 P'
DC DNA linking 2'-DEOXYCYTIDINE-5'-MONOPHOSPHATE 'C9 H14 N3 O7 P'
DG DNA linking 2'-DEOXYGUANOSINE-5'-MONOPHOSPHATE 'C10 H14 N5 O7 P'
DT DNA linking THYMIDINE-5'-MONOPHOSPHATE 'C10 H15 N2 O8 P'
EOH non-polymer ETHANOL 'C2 H6 O'
GOL non-polymer GLYCEROL 'C3 H8 O3'
ORP saccharide 2-DEOXY-5-PHOSPHONO-RIBOSE 'C5 H11 O7 P'
SF4 non-polymer 'IRON/SULFUR CLUSTER' 'Fe4 S4'
#
# COMPACT_ATOMS: atom_id res chain seq x y z
C1 ORP A 8 -0.41 -6.59 -5.29
O1 ORP A 8 -1.09 -6.04 -4.16
C2 ORP A 8 0.79 -7.38 -4.85
C3 ORP A 8 0.26 -8.78 -4.65
O3 ORP A 8 1.18 -9.78 -5.10
C4 ORP A 8 -1.02 -8.84 -5.48
O4 ORP A 8 -1.33 -7.50 -5.88
C5 ORP A 8 -2.18 -9.34 -4.65
O5 ORP A 8 -3.39 -9.32 -5.44
P ORP A 8 -4.65 -10.22 -5.08
O1P ORP A 8 -5.01 -10.10 -3.64
O2P ORP A 8 -5.66 -9.91 -6.12
N MET C 1 6.93 19.95 -2.19
CA MET C 1 5.66 20.17 -2.93
C MET C 1 4.48 19.72 -2.09
N ASP C 2 3.29 20.22 -2.40
CA ASP C 2 2.10 19.83 -1.67
C ASP C 2 1.48 18.61 -2.35
N ARG C 3 0.37 18.11 -1.84
CA ARG C 3 -0.24 16.91 -2.42
C ARG C 3 -0.70 17.08 -3.87
N GLU C 4 -1.23 18.24 -4.21
CA GLU C 4 -1.70 18.46 -5.57
C GLU C 4 -0.54 18.27 -6.56
N ALA C 5 0.61 18.84 -6.22
CA ALA C 5 1.80 18.74 -7.07
C ALA C 5 2.30 17.29 -7.12
N PHE C 6 2.25 16.62 -5.99
CA PHE C 6 2.67 15.22 -5.90
C PHE C 6 1.83 14.35 -6.84
N VAL C 7 0.52 14.45 -6.71
CA VAL C 7 -0.38 13.66 -7.55
C VAL C 7 -0.21 13.97 -9.03
N GLN C 8 -0.09 15.24 -9.36
CA GLN C 8 0.08 15.66 -10.75
C GLN C 8 1.36 15.10 -11.37
N THR C 9 2.48 15.29 -10.68
CA THR C 9 3.75 14.79 -11.20
C THR C 9 3.86 13.27 -11.16
N LEU C 10 3.34 12.64 -10.10
CA LEU C 10 3.38 11.19 -10.00
C LEU C 10 2.63 10.53 -11.15
N THR C 11 1.41 10.99 -11.40
CA THR C 11 0.59 10.40 -12.46
C THR C 11 1.21 10.49 -13.85
N ALA C 12 2.15 11.42 -14.04
CA ALA C 12 2.80 11.58 -15.33
C ALA C 12 4.13 10.84 -15.42
N CYS C 13 4.49 10.15 -14.34
CA CYS C 13 5.76 9.42 -14.30
C CYS C 13 5.83 8.23 -15.25
N ARG C 14 6.98 8.10 -15.93
CA ARG C 14 7.20 7.00 -16.87
C ARG C 14 8.64 6.52 -16.77
N LEU C 15 9.20 6.53 -15.58
CA LEU C 15 10.59 6.12 -15.37
C LEU C 15 10.89 4.64 -15.62
N CYS C 16 9.92 3.77 -15.38
CA CYS C 16 10.11 2.34 -15.56
C CYS C 16 9.42 1.84 -16.83
N PRO C 17 10.16 1.74 -17.93
CA PRO C 17 9.59 1.28 -19.20
C PRO C 17 8.82 -0.04 -19.15
N ARG C 18 9.30 -1.01 -18.37
CA ARG C 18 8.61 -2.29 -18.26
C ARG C 18 7.24 -2.13 -17.62
N LEU C 19 7.14 -1.23 -16.64
CA LEU C 19 5.88 -1.02 -15.93
C LEU C 19 4.94 -0.10 -16.71
N VAL C 20 5.52 0.88 -17.41
CA VAL C 20 4.70 1.78 -18.22
C VAL C 20 4.00 0.89 -19.25
N ALA C 21 4.71 -0.12 -19.73
CA ALA C 21 4.16 -1.04 -20.72
C ALA C 21 3.13 -1.99 -20.12
N TRP C 22 3.52 -2.66 -19.04
CA TRP C 22 2.64 -3.64 -18.39
C TRP C 22 1.32 -3.07 -17.88
N ARG C 23 1.34 -1.89 -17.28
CA ARG C 23 0.11 -1.31 -16.74
C ARG C 23 -0.97 -1.13 -17.81
N GLU C 24 -0.56 -0.99 -19.07
CA GLU C 24 -1.54 -0.85 -20.16
C GLU C 24 -1.78 -2.22 -20.81
N GLU C 25 -0.73 -3.02 -20.87
CA GLU C 25 -0.81 -4.37 -21.45
C GLU C 25 -1.91 -5.24 -20.82
N VAL C 26 -2.09 -5.12 -19.51
CA VAL C 26 -3.08 -5.93 -18.82
C VAL C 26 -4.53 -5.49 -19.02
N VAL C 27 -4.73 -4.29 -19.52
CA VAL C 27 -6.09 -3.79 -19.73
C VAL C 27 -6.82 -4.71 -20.70
N GLY C 28 -7.95 -5.25 -20.26
CA GLY C 28 -8.76 -6.12 -21.10
C GLY C 28 -8.39 -7.59 -21.01
N ARG C 29 -7.33 -7.92 -20.28
CA ARG C 29 -6.91 -9.31 -20.17
C ARG C 29 -7.70 -10.15 -19.17
N LYS C 30 -8.48 -9.50 -18.30
CA LYS C 30 -9.30 -10.24 -17.34
C LYS C 30 -10.77 -10.16 -17.78
N ARG C 31 -11.34 -11.32 -18.06
CA ARG C 31 -12.72 -11.43 -18.55
C ARG C 31 -13.75 -10.56 -17.84
N ALA C 32 -13.77 -10.62 -16.50
CA ALA C 32 -14.73 -9.87 -15.72
C ALA C 32 -14.75 -8.36 -16.00
N PHE C 33 -13.62 -7.81 -16.43
CA PHE C 33 -13.54 -6.38 -16.67
C PHE C 33 -13.28 -5.93 -18.10
N ARG C 34 -13.30 -6.83 -19.07
CA ARG C 34 -13.04 -6.40 -20.44
C ARG C 34 -14.05 -5.36 -20.89
N GLY C 35 -13.56 -4.32 -21.55
CA GLY C 35 -14.42 -3.25 -22.02
C GLY C 35 -14.56 -2.12 -21.02
N GLU C 36 -14.11 -2.34 -19.79
CA GLU C 36 -14.19 -1.31 -18.75
C GLU C 36 -12.98 -0.39 -18.76
N PRO C 37 -13.18 0.84 -18.26
CA PRO C 37 -12.04 1.77 -18.23
C PRO C 37 -11.04 1.37 -17.15
N TYR C 38 -9.76 1.47 -17.48
CA TYR C 38 -8.67 1.17 -16.55
C TYR C 38 -7.84 2.42 -16.30
N TRP C 39 -7.45 2.63 -15.06
CA TRP C 39 -6.61 3.75 -14.67
C TRP C 39 -5.29 3.63 -15.45
N ALA C 40 -4.69 2.45 -15.41
CA ALA C 40 -3.45 2.16 -16.12
C ALA C 40 -2.43 3.31 -16.03
N ARG C 41 -2.18 3.77 -14.81
CA ARG C 41 -1.27 4.87 -14.55
C ARG C 41 -0.75 4.70 -13.13
N PRO C 42 0.23 5.53 -12.73
CA PRO C 42 0.78 5.42 -11.37
C PRO C 42 -0.36 5.63 -10.37
N VAL C 43 -0.34 4.88 -9.28
CA VAL C 43 -1.39 4.98 -8.28
C VAL C 43 -1.03 5.86 -7.09
N PRO C 44 -1.75 6.97 -6.90
CA PRO C 44 -1.47 7.86 -5.77
C PRO C 44 -2.02 7.21 -4.50
N GLY C 45 -1.41 7.52 -3.36
CA GLY C 45 -1.88 6.98 -2.10
C GLY C 45 -3.26 7.53 -1.76
N PHE C 46 -3.94 6.88 -0.83
CA PHE C 46 -5.29 7.27 -0.44
C PHE C 46 -5.47 7.22 1.07
N GLY C 47 -6.20 8.18 1.62
CA GLY C 47 -6.43 8.18 3.05
C GLY C 47 -6.28 9.52 3.74
N ASP C 48 -6.20 9.44 5.06
CA ASP C 48 -6.09 10.60 5.94
C ASP C 48 -4.71 11.26 5.86
N PRO C 49 -4.65 12.50 5.37
CA PRO C 49 -3.34 13.17 5.28
C PRO C 49 -2.71 13.39 6.65
N GLU C 50 -3.53 13.35 7.69
CA GLU C 50 -3.05 13.50 9.07
C GLU C 50 -2.96 12.14 9.75
N ALA C 51 -2.86 11.08 8.95
CA ALA C 51 -2.79 9.72 9.48
C ALA C 51 -1.63 9.47 10.44
N ARG C 52 -1.90 8.65 11.46
CA ARG C 52 -0.87 8.27 12.42
C ARG C 52 -0.40 6.88 12.03
N ILE C 53 -1.17 6.22 11.16
CA ILE C 53 -0.85 4.87 10.71
C ILE C 53 -0.72 4.82 9.20
N LEU C 54 0.38 4.24 8.71
CA LEU C 54 0.59 4.08 7.27
C LEU C 54 0.64 2.59 6.96
N LEU C 55 -0.21 2.13 6.04
CA LEU C 55 -0.18 0.73 5.62
C LEU C 55 0.55 0.81 4.28
N PHE C 56 1.69 0.14 4.20
CA PHE C 56 2.55 0.18 3.03
C PHE C 56 2.52 -1.14 2.26
N GLY C 57 1.94 -1.11 1.06
CA GLY C 57 1.83 -2.31 0.25
C GLY C 57 3.00 -2.58 -0.69
N LEU C 58 2.79 -3.51 -1.61
CA LEU C 58 3.81 -3.92 -2.56
C LEU C 58 3.77 -3.11 -3.86
N ALA C 59 2.65 -3.23 -4.58
CA ALA C 59 2.47 -2.52 -5.84
C ALA C 59 1.04 -2.70 -6.32
N PRO C 60 0.64 -1.98 -7.37
CA PRO C 60 -0.73 -2.13 -7.87
C PRO C 60 -0.97 -3.52 -8.47
N GLY C 61 -2.18 -4.05 -8.26
CA GLY C 61 -2.53 -5.33 -8.84
C GLY C 61 -3.04 -4.98 -10.22
N ALA C 62 -2.75 -5.82 -11.21
CA ALA C 62 -3.15 -5.57 -12.60
C ALA C 62 -4.61 -5.15 -12.77
N HIS C 63 -5.51 -5.81 -12.04
CA HIS C 63 -6.93 -5.53 -12.12
C HIS C 63 -7.50 -4.97 -10.83
N GLY C 64 -6.58 -4.51 -9.98
CA GLY C 64 -6.95 -3.90 -8.72
C GLY C 64 -6.82 -2.39 -8.85
N SER C 65 -5.87 -1.79 -8.15
CA SER C 65 -5.70 -0.34 -8.23
C SER C 65 -5.28 0.09 -9.63
N ASN C 66 -4.63 -0.81 -10.39
CA ASN C 66 -4.24 -0.42 -11.75
C ASN C 66 -5.51 -0.21 -12.58
N ARG C 67 -6.60 -0.79 -12.12
CA ARG C 67 -7.88 -0.66 -12.83
C ARG C 67 -8.72 0.48 -12.23
N THR C 68 -8.90 0.44 -10.91
CA THR C 68 -9.72 1.44 -10.22
C THR C 68 -9.06 2.76 -9.89
N GLY C 69 -7.73 2.78 -9.82
CA GLY C 69 -7.03 4.02 -9.51
C GLY C 69 -6.90 4.35 -8.03
N ARG C 70 -7.32 3.43 -7.16
CA ARG C 70 -7.22 3.64 -5.72
C ARG C 70 -6.59 2.41 -5.06
N PRO C 71 -5.62 2.63 -4.15
CA PRO C 71 -4.95 1.52 -3.47
C PRO C 71 -5.89 0.43 -2.95
N PHE C 72 -5.51 -0.83 -3.15
CA PHE C 72 -6.29 -1.99 -2.69
C PHE C 72 -7.77 -1.99 -3.08
N THR C 73 -8.10 -1.30 -4.16
CA THR C 73 -9.50 -1.22 -4.56
C THR C 73 -9.82 -2.01 -5.82
N GLY C 74 -10.80 -2.92 -5.71
CA GLY C 74 -11.20 -3.69 -6.87
C GLY C 74 -10.63 -5.08 -7.02
N ASP C 75 -9.96 -5.58 -5.98
CA ASP C 75 -9.40 -6.94 -6.04
C ASP C 75 -9.56 -7.68 -4.71
N ALA C 76 -9.02 -8.90 -4.66
CA ALA C 76 -9.13 -9.73 -3.46
C ALA C 76 -8.44 -9.14 -2.24
N SER C 77 -7.35 -8.39 -2.45
CA SER C 77 -6.65 -7.78 -1.33
C SER C 77 -7.56 -6.78 -0.64
N GLY C 78 -8.23 -5.94 -1.44
CA GLY C 78 -9.13 -4.95 -0.87
C GLY C 78 -10.37 -5.56 -0.23
N ALA C 79 -10.88 -6.66 -0.80
CA ALA C 79 -12.07 -7.32 -0.25
C ALA C 79 -11.77 -7.81 1.16
N PHE C 80 -10.50 -8.08 1.43
CA PHE C 80 -10.05 -8.55 2.73
C PHE C 80 -9.72 -7.36 3.63
N LEU C 81 -8.92 -6.44 3.10
CA LEU C 81 -8.47 -5.27 3.86
C LEU C 81 -9.49 -4.23 4.30
N TYR C 82 -10.28 -3.73 3.37
CA TYR C 82 -11.22 -2.68 3.73
C TYR C 82 -12.23 -3.03 4.82
N PRO C 83 -12.83 -4.23 4.77
CA PRO C 83 -13.79 -4.52 5.85
C PRO C 83 -13.09 -4.49 7.21
N LEU C 84 -11.87 -5.02 7.28
CA LEU C 84 -11.13 -5.03 8.53
C LEU C 84 -10.76 -3.63 9.02
N LEU C 85 -10.49 -2.72 8.09
CA LEU C 85 -10.19 -1.35 8.48
C LEU C 85 -11.42 -0.80 9.21
N HIS C 86 -12.60 -1.09 8.67
CA HIS C 86 -13.83 -0.60 9.29
C HIS C 86 -14.10 -1.27 10.63
N GLU C 87 -13.84 -2.57 10.72
CA GLU C 87 -14.05 -3.31 11.96
C GLU C 87 -13.14 -2.76 13.07
N ALA C 88 -11.99 -2.24 12.67
CA ALA C 88 -11.03 -1.67 13.61
C ALA C 88 -11.34 -0.21 13.94
N GLY C 89 -12.40 0.32 13.35
CA GLY C 89 -12.78 1.71 13.60
C GLY C 89 -11.88 2.71 12.89
N LEU C 90 -11.32 2.31 11.75
CA LEU C 90 -10.41 3.18 11.01
C LEU C 90 -10.96 3.69 9.67
N SER C 91 -12.26 3.54 9.43
CA SER C 91 -12.84 4.00 8.16
C SER C 91 -14.34 4.26 8.27
N SER C 92 -14.88 4.97 7.28
CA SER C 92 -16.30 5.32 7.27
C SER C 92 -17.26 4.20 6.88
N LYS C 93 -16.78 3.24 6.08
CA LYS C 93 -17.61 2.12 5.66
C LYS C 93 -16.73 0.93 5.26
N PRO C 94 -17.29 -0.29 5.31
CA PRO C 94 -16.59 -1.53 4.95
C PRO C 94 -16.01 -1.67 3.55
N GLU C 95 -16.69 -1.13 2.55
CA GLU C 95 -16.22 -1.28 1.17
C GLU C 95 -15.58 -0.05 0.55
N SER C 96 -14.72 -0.31 -0.44
CA SER C 96 -14.05 0.77 -1.18
C SER C 96 -14.41 0.63 -2.64
N LEU C 97 -15.04 1.67 -3.17
CA LEU C 97 -15.45 1.69 -4.58
C LEU C 97 -14.89 2.98 -5.17
N PRO C 98 -14.30 2.90 -6.37
CA PRO C 98 -13.75 4.12 -6.96
C PRO C 98 -14.85 5.17 -7.09
N GLY C 99 -14.50 6.41 -6.76
CA GLY C 99 -15.48 7.48 -6.85
C GLY C 99 -16.43 7.60 -5.67
N ASP C 100 -16.37 6.69 -4.70
CA ASP C 100 -17.29 6.78 -3.56
C ASP C 100 -16.80 7.82 -2.55
N ASP C 101 -17.45 7.87 -1.39
CA ASP C 101 -17.06 8.85 -0.36
C ASP C 101 -16.33 8.21 0.81
N LEU C 102 -15.65 7.11 0.57
CA LEU C 102 -14.93 6.43 1.65
C LEU C 102 -13.92 7.35 2.31
N ARG C 103 -13.93 7.35 3.65
CA ARG C 103 -12.99 8.16 4.41
C ARG C 103 -12.23 7.22 5.32
N LEU C 104 -10.92 7.44 5.44
CA LEU C 104 -10.11 6.64 6.33
C LEU C 104 -9.77 7.52 7.52
N TYR C 105 -9.87 6.96 8.73
CA TYR C 105 -9.61 7.73 9.94
C TYR C 105 -8.30 7.38 10.62
N GLY C 106 -7.30 8.24 10.45
CA GLY C 106 -6.00 8.02 11.06
C GLY C 106 -5.11 7.07 10.29
N VAL C 107 -5.55 6.68 9.10
CA VAL C 107 -4.80 5.73 8.27
C VAL C 107 -4.63 6.22 6.84
N TYR C 108 -3.48 5.90 6.25
CA TYR C 108 -3.19 6.26 4.86
C TYR C 108 -2.60 5.03 4.19
N LEU C 109 -2.96 4.83 2.93
CA LEU C 109 -2.52 3.67 2.17
C LEU C 109 -1.71 4.00 0.91
N THR C 110 -0.61 3.28 0.73
CA THR C 110 0.19 3.45 -0.48
C THR C 110 1.08 2.20 -0.61
N ALA C 111 2.08 2.24 -1.48
CA ALA C 111 2.93 1.07 -1.70
C ALA C 111 4.34 1.43 -2.16
N ALA C 112 5.21 0.42 -2.18
CA ALA C 112 6.60 0.59 -2.59
C ALA C 112 6.76 0.97 -4.05
N VAL C 113 5.95 0.35 -4.91
CA VAL C 113 5.96 0.60 -6.35
C VAL C 113 4.56 1.08 -6.69
N ARG C 114 4.47 2.03 -7.60
CA ARG C 114 3.17 2.61 -7.93
C ARG C 114 2.54 2.28 -9.28
N CYS C 115 3.19 1.40 -10.04
CA CYS C 115 2.68 0.93 -11.33
C CYS C 115 2.69 -0.58 -11.32
N ALA C 116 1.62 -1.18 -11.83
CA ALA C 116 1.47 -2.63 -11.88
C ALA C 116 2.67 -3.33 -12.50
N PRO C 117 3.28 -4.26 -11.77
CA PRO C 117 4.43 -4.99 -12.29
C PRO C 117 4.12 -6.44 -12.68
N PRO C 118 4.77 -6.94 -13.74
CA PRO C 118 4.54 -8.33 -14.17
C PRO C 118 4.81 -9.29 -13.02
N LYS C 119 3.91 -10.25 -12.84
CA LYS C 119 4.03 -11.25 -11.78
C LYS C 119 4.07 -10.65 -10.38
N ASN C 120 3.62 -9.41 -10.23
CA ASN C 120 3.62 -8.75 -8.93
C ASN C 120 5.03 -8.74 -8.35
N LYS C 121 6.02 -8.62 -9.23
CA LYS C 121 7.41 -8.62 -8.80
C LYS C 121 8.23 -7.53 -9.47
N PRO C 122 8.34 -6.37 -8.80
CA PRO C 122 9.12 -5.28 -9.40
C PRO C 122 10.60 -5.63 -9.28
N THR C 123 11.42 -5.08 -10.16
CA THR C 123 12.85 -5.34 -10.11
C THR C 123 13.51 -4.39 -9.12
N PRO C 124 14.75 -4.70 -8.72
CA PRO C 124 15.44 -3.83 -7.76
C PRO C 124 15.54 -2.41 -8.30
N GLU C 125 15.74 -2.29 -9.61
CA GLU C 125 15.85 -0.98 -10.24
C GLU C 125 14.54 -0.21 -10.20
N GLU C 126 13.43 -0.93 -10.39
CA GLU C 126 12.11 -0.30 -10.37
C GLU C 126 11.79 0.17 -8.95
N LEU C 127 12.20 -0.62 -7.97
CA LEU C 127 11.99 -0.26 -6.57
C LEU C 127 12.81 0.99 -6.26
N ARG C 128 14.06 1.02 -6.73
CA ARG C 128 14.92 2.17 -6.49
C ARG C 128 14.35 3.42 -7.15
N ALA C 129 13.75 3.26 -8.32
CA ALA C 129 13.17 4.38 -9.03
C ALA C 129 11.96 4.96 -8.29
N CYS C 130 11.02 4.11 -7.94
CA CYS C 130 9.81 4.56 -7.26
C CYS C 130 10.02 5.01 -5.82
N ALA C 131 11.16 4.66 -5.25
CA ALA C 131 11.46 5.06 -3.88
C ALA C 131 11.50 6.58 -3.78
N ARG C 132 11.74 7.25 -4.91
CA ARG C 132 11.78 8.70 -4.91
C ARG C 132 10.39 9.25 -4.59
N TRP C 133 9.36 8.53 -5.04
CA TRP C 133 7.99 8.94 -4.77
C TRP C 133 7.64 8.62 -3.32
N THR C 134 8.24 7.56 -2.79
CA THR C 134 7.99 7.18 -1.40
C THR C 134 8.50 8.33 -0.53
N GLU C 135 9.65 8.89 -0.91
CA GLU C 135 10.22 10.00 -0.16
C GLU C 135 9.27 11.19 -0.16
N VAL C 136 8.76 11.53 -1.34
CA VAL C 136 7.83 12.66 -1.46
C VAL C 136 6.53 12.39 -0.72
N GLU C 137 5.95 11.21 -0.95
CA GLU C 137 4.69 10.86 -0.33
C GLU C 137 4.73 10.77 1.19
N LEU C 138 5.72 10.08 1.74
CA LEU C 138 5.83 9.95 3.18
C LEU C 138 6.14 11.31 3.80
N GLY C 139 6.78 12.18 3.00
CA GLY C 139 7.10 13.51 3.48
C GLY C 139 5.84 14.33 3.66
N LEU C 140 4.77 13.91 2.97
CA LEU C 140 3.49 14.59 3.05
C LEU C 140 2.58 14.02 4.14
N LEU C 141 3.12 13.06 4.91
CA LEU C 141 2.37 12.44 6.00
C LEU C 141 3.17 12.67 7.28
N PRO C 142 3.15 13.92 7.79
CA PRO C 142 3.86 14.34 9.00
C PRO C 142 3.44 13.73 10.33
N GLU C 143 2.22 13.22 10.42
CA GLU C 143 1.75 12.66 11.67
C GLU C 143 1.92 11.14 11.84
N VAL C 144 2.48 10.47 10.85
CA VAL C 144 2.63 9.02 10.97
C VAL C 144 3.55 8.59 12.11
N ARG C 145 3.03 7.71 12.95
CA ARG C 145 3.77 7.19 14.10
C ARG C 145 4.06 5.70 13.94
N VAL C 146 3.21 5.03 13.16
CA VAL C 146 3.37 3.59 12.95
C VAL C 146 3.35 3.28 11.46
N TYR C 147 4.43 2.69 10.97
CA TYR C 147 4.54 2.30 9.57
C TYR C 147 4.39 0.79 9.51
N VAL C 148 3.34 0.33 8.83
CA VAL C 148 3.08 -1.09 8.72
C VAL C 148 3.44 -1.63 7.34
N ALA C 149 4.46 -2.49 7.31
CA ALA C 149 4.90 -3.10 6.06
C ALA C 149 4.02 -4.32 5.76
N LEU C 150 3.37 -4.30 4.61
CA LEU C 150 2.53 -5.43 4.21
C LEU C 150 3.37 -6.29 3.28
N GLY C 151 4.05 -7.29 3.85
CA GLY C 151 4.87 -8.18 3.04
C GLY C 151 6.35 -7.85 3.08
N ARG C 152 7.17 -8.81 2.64
CA ARG C 152 8.63 -8.65 2.62
C ARG C 152 9.12 -7.47 1.78
N ILE C 153 8.63 -7.37 0.55
CA ILE C 153 9.06 -6.29 -0.32
C ILE C 153 8.77 -4.94 0.32
N ALA C 154 7.57 -4.79 0.87
CA ALA C 154 7.20 -3.54 1.52
C ALA C 154 8.16 -3.24 2.68
N LEU C 155 8.47 -4.26 3.48
CA LEU C 155 9.37 -4.05 4.61
C LEU C 155 10.74 -3.58 4.15
N GLU C 156 11.33 -4.30 3.19
CA GLU C 156 12.65 -3.92 2.71
C GLU C 156 12.65 -2.52 2.13
N ALA C 157 11.54 -2.10 1.55
CA ALA C 157 11.43 -0.76 0.99
C ALA C 157 11.44 0.29 2.10
N LEU C 158 10.75 -0.01 3.19
CA LEU C 158 10.69 0.92 4.33
C LEU C 158 12.05 0.96 5.02
N LEU C 159 12.72 -0.18 5.11
CA LEU C 159 14.03 -0.24 5.74
C LEU C 159 14.98 0.69 4.98
N ALA C 160 14.90 0.66 3.65
CA ALA C 160 15.73 1.52 2.82
C ALA C 160 15.38 2.99 3.07
N HIS C 161 14.10 3.26 3.23
CA HIS C 161 13.63 4.62 3.49
C HIS C 161 14.19 5.14 4.82
N PHE C 162 14.21 4.28 5.83
CA PHE C 162 14.70 4.66 7.14
C PHE C 162 16.19 4.40 7.35
N GLY C 163 16.87 3.94 6.30
CA GLY C 163 18.29 3.66 6.39
C GLY C 163 18.62 2.59 7.41
N LEU C 164 17.76 1.57 7.49
CA LEU C 164 17.97 0.49 8.44
C LEU C 164 18.52 -0.76 7.75
N ARG C 165 19.31 -1.53 8.48
CA ARG C 165 19.92 -2.73 7.93
C ARG C 165 18.97 -3.91 7.96
N LYS C 166 18.92 -4.65 6.85
CA LYS C 166 18.04 -5.81 6.74
C LYS C 166 18.43 -6.87 7.77
N SER C 167 19.73 -7.03 7.97
CA SER C 167 20.25 -8.02 8.92
C SER C 167 19.68 -7.83 10.32
N ALA C 168 19.43 -6.58 10.70
CA ALA C 168 18.90 -6.29 12.02
C ALA C 168 17.37 -6.20 12.06
N HIS C 169 16.74 -6.24 10.88
CA HIS C 169 15.28 -6.17 10.83
C HIS C 169 14.71 -7.20 9.87
N PRO C 170 14.71 -8.48 10.28
CA PRO C 170 14.19 -9.55 9.44
C PRO C 170 12.68 -9.49 9.29
N PHE C 171 12.17 -10.05 8.20
CA PHE C 171 10.74 -10.05 7.97
C PHE C 171 10.06 -11.26 8.61
N ARG C 172 9.15 -10.97 9.53
CA ARG C 172 8.39 -12.01 10.20
C ARG C 172 7.05 -11.36 10.55
N HIS C 173 5.97 -12.10 10.40
CA HIS C 173 4.67 -11.55 10.72
C HIS C 173 4.64 -11.21 12.21
N GLY C 174 4.26 -9.97 12.52
CA GLY C 174 4.20 -9.54 13.90
C GLY C 174 5.44 -8.85 14.39
N ALA C 175 6.46 -8.78 13.55
CA ALA C 175 7.71 -8.11 13.93
C ALA C 175 7.41 -6.66 14.25
N HIS C 176 8.15 -6.11 15.22
CA HIS C 176 7.98 -4.73 15.63
C HIS C 176 9.35 -4.12 15.93
N TYR C 177 9.68 -3.05 15.22
CA TYR C 177 10.96 -2.38 15.39
C TYR C 177 10.78 -0.91 15.74
N PRO C 178 11.65 -0.38 16.62
CA PRO C 178 11.55 1.03 17.00
C PRO C 178 12.11 1.96 15.94
N LEU C 179 11.51 3.14 15.81
CA LEU C 179 11.97 4.14 14.85
C LEU C 179 12.24 5.43 15.62
N PRO C 180 13.16 6.26 15.11
CA PRO C 180 13.51 7.53 15.75
C PRO C 180 12.29 8.37 16.07
N GLY C 181 12.32 9.05 17.22
CA GLY C 181 11.20 9.89 17.60
C GLY C 181 10.05 9.14 18.26
N GLY C 182 10.33 7.94 18.76
CA GLY C 182 9.30 7.16 19.40
C GLY C 182 8.29 6.56 18.44
N ARG C 183 8.69 6.41 17.17
CA ARG C 183 7.81 5.85 16.16
C ARG C 183 7.98 4.34 16.07
N HIS C 184 7.18 3.67 15.26
CA HIS C 184 7.23 2.22 15.15
C HIS C 184 7.13 1.66 13.73
N LEU C 185 7.87 0.57 13.49
CA LEU C 185 7.85 -0.12 12.21
C LEU C 185 7.32 -1.53 12.48
N LEU C 186 6.16 -1.86 11.91
CA LEU C 186 5.57 -3.19 12.11
C LEU C 186 5.56 -3.96 10.81
N ALA C 187 5.69 -5.28 10.91
CA ALA C 187 5.66 -6.13 9.71
C ALA C 187 4.50 -7.10 9.80
N SER C 188 3.83 -7.30 8.67
CA SER C 188 2.71 -8.21 8.59
C SER C 188 2.79 -8.93 7.26
N TYR C 189 2.17 -10.09 7.17
CA TYR C 189 2.15 -10.80 5.90
C TYR C 189 1.32 -9.88 5.01
N HIS C 190 1.55 -9.93 3.69
CA HIS C 190 0.78 -9.10 2.78
C HIS C 190 -0.67 -9.61 2.71
N VAL C 191 -1.61 -8.73 2.36
CA VAL C 191 -3.02 -9.10 2.32
C VAL C 191 -3.48 -9.84 1.06
N SER C 192 -2.51 -10.21 0.23
CA SER C 192 -2.80 -10.94 -1.01
C SER C 192 -3.67 -12.17 -0.83
N ARG C 193 -4.49 -12.44 -1.83
CA ARG C 193 -5.36 -13.59 -1.84
C ARG C 193 -4.56 -14.88 -1.59
N GLN C 194 -3.33 -14.95 -2.09
CA GLN C 194 -2.58 -16.18 -1.87
C GLN C 194 -2.03 -16.34 -0.45
N ASN C 195 -2.29 -15.35 0.41
CA ASN C 195 -1.88 -15.41 1.81
C ASN C 195 -3.14 -15.60 2.66
N THR C 196 -4.21 -14.90 2.29
CA THR C 196 -5.45 -14.97 3.04
C THR C 196 -6.33 -16.18 2.74
N GLN C 197 -6.34 -16.60 1.48
CA GLN C 197 -7.17 -17.74 1.09
C GLN C 197 -6.52 -19.07 1.46
N THR C 198 -5.21 -19.04 1.67
CA THR C 198 -4.47 -20.24 2.02
C THR C 198 -4.37 -20.41 3.54
N GLY C 199 -4.81 -19.39 4.27
CA GLY C 199 -4.77 -19.45 5.72
C GLY C 199 -3.50 -18.91 6.34
N ARG C 200 -2.56 -18.43 5.51
CA ARG C 200 -1.32 -17.90 6.03
C ARG C 200 -1.59 -16.65 6.86
N LEU C 201 -2.50 -15.81 6.37
CA LEU C 201 -2.91 -14.60 7.07
C LEU C 201 -4.41 -14.64 7.19
N THR C 202 -4.90 -14.75 8.43
CA THR C 202 -6.35 -14.81 8.65
C THR C 202 -6.89 -13.43 9.00
N ARG C 203 -8.22 -13.30 8.97
CA ARG C 203 -8.84 -12.04 9.33
C ARG C 203 -8.47 -11.71 10.77
N GLU C 204 -8.50 -12.72 11.62
CA GLU C 204 -8.15 -12.53 13.03
C GLU C 204 -6.75 -11.94 13.16
N MET C 205 -5.79 -12.52 12.44
CA MET C 205 -4.40 -12.07 12.49
C MET C 205 -4.22 -10.63 12.01
N PHE C 206 -4.85 -10.29 10.89
CA PHE C 206 -4.68 -8.95 10.39
C PHE C 206 -5.39 -7.90 11.24
N LEU C 207 -6.55 -8.23 11.77
CA LEU C 207 -7.26 -7.28 12.62
C LEU C 207 -6.37 -6.99 13.82
N GLU C 208 -5.69 -8.02 14.31
CA GLU C 208 -4.79 -7.85 15.45
C GLU C 208 -3.67 -6.87 15.09
N VAL C 209 -3.15 -6.97 13.86
CA VAL C 209 -2.10 -6.06 13.42
C VAL C 209 -2.64 -4.64 13.48
N LEU C 210 -3.85 -4.45 12.98
CA LEU C 210 -4.48 -3.13 12.98
C LEU C 210 -4.71 -2.61 14.40
N MET C 211 -5.15 -3.48 15.31
CA MET C 211 -5.41 -3.04 16.67
C MET C 211 -4.11 -2.67 17.37
N GLU C 212 -3.03 -3.40 17.06
CA GLU C 212 -1.73 -3.12 17.67
C GLU C 212 -1.22 -1.79 17.11
N ALA C 213 -1.39 -1.59 15.81
CA ALA C 213 -0.96 -0.35 15.19
C ALA C 213 -1.66 0.83 15.87
N LYS C 214 -2.96 0.67 16.12
CA LYS C 214 -3.72 1.70 16.80
C LYS C 214 -3.15 1.95 18.19
N ARG C 215 -2.90 0.87 18.92
CA ARG C 215 -2.35 0.99 20.27
C ARG C 215 -1.04 1.78 20.26
N LEU C 216 -0.12 1.36 19.40
CA LEU C 216 1.18 2.01 19.30
C LEU C 216 1.08 3.45 18.80
N ALA C 217 0.05 3.75 18.01
CA ALA C 217 -0.13 5.09 17.47
C ALA C 217 -0.84 6.05 18.44
N GLY C 218 -1.26 5.52 19.58
CA GLY C 218 -1.95 6.36 20.54
C GLY C 218 -3.43 6.48 20.23
N LEU C 219 -3.90 5.65 19.29
CA LEU C 219 -5.32 5.67 18.91
C LEU C 219 -6.08 4.61 19.71
P 2HP D . -17.61 -20.38 -16.33
O1 2HP D . -16.78 -21.62 -15.95
O2 2HP D . -18.42 -20.24 -17.63
O3 2HP D . -17.19 -19.00 -15.59
O4 2HP D . -16.36 -20.07 -17.31
FE1 SF4 E . 5.60 3.94 -12.04
FE2 SF4 E . 8.26 3.54 -11.98
FE3 SF4 E . 7.01 4.45 -9.81
FE4 SF4 E . 7.29 6.02 -11.97
S1 SF4 E . 8.95 5.24 -10.68
S2 SF4 E . 5.44 5.75 -10.74
S3 SF4 E . 7.09 4.51 -13.63
S4 SF4 E . 6.70 2.45 -10.77
P 2HP F . -3.90 -3.15 -5.05
O1 2HP F . -4.27 -4.40 -4.24
O2 2HP F . -3.77 -3.15 -6.57
O3 2HP F . -3.19 -1.95 -4.27
O4 2HP F . -2.45 -3.82 -5.06
C1 GOL G . -13.37 -5.04 -3.85
O1 GOL G . -12.18 -5.46 -4.49
C2 GOL G . -13.02 -4.16 -2.66
O2 GOL G . -12.29 -3.01 -3.12
C3 GOL G . -14.30 -3.72 -1.98
O3 GOL G . -13.97 -2.91 -0.86
C1 GOL H . -9.64 3.11 -20.25
O1 GOL H . -8.37 3.74 -20.13
C2 GOL H . -10.33 3.57 -21.54
O2 GOL H . -9.52 3.22 -22.66
C3 GOL H . -11.70 2.90 -21.65
O3 GOL H . -12.35 3.32 -22.84
C1 EOH I . -10.85 -15.98 7.75
C2 EOH I . -10.84 -17.50 7.73
O EOH I . -9.53 -15.48 7.57
#